data_3HCV
#
_entry.id   3HCV
#
_cell.length_a   51.176
_cell.length_b   82.428
_cell.length_c   67.017
_cell.angle_alpha   90.000
_cell.angle_beta   110.150
_cell.angle_gamma   90.000
#
_symmetry.space_group_name_H-M   'P 1 21 1'
#
loop_
_entity.id
_entity.type
_entity.pdbx_description
1 polymer 'HLA class I histocompatibility antigen, B-27 alpha chain'
2 polymer Beta-2-microglobulin
3 polymer 'DOUBLE CITRULLINATED VASOACTIVE INTESTINAL POLYPEPTIDE RECEPTOR'
4 water water
#
loop_
_entity_poly.entity_id
_entity_poly.type
_entity_poly.pdbx_seq_one_letter_code
_entity_poly.pdbx_strand_id
1 'polypeptide(L)'
;GSHSMRYFHTSVSRPGRGEPRFITVGYVDDTLFVRFDSDAASPREEPRAPWIEQEGPEYWDRETQICKAKAQTDREDLRT
LLRYYNQSEAGSHTLQNMYGCDVGPDGRLLRGYHQHAYDGKDYIALNEDLSSWTAADTAAQITQRKWEAARVAEQLRAYL
EGECVEWLRRYLENGKETLQRADPPKTHVTHHPISDHEATLRCWALGFYPAEITLTWQRDGEDQTQDTELVETRPAGDRT
FQKWAAVVVPSGEEQRYTCHVQHEGLPKPLTLRWEP
;
A
2 'polypeptide(L)'
;MIQRTPKIQVYSRHPAENGKSNFLNCYVSGFHPSDIEVDLLKNGERIEKVEHSDLSFSKDWSFYLLYYTEFTPTEKDEYA
CRVNHVTLSQPKIVKWDRDM
;
B
3 'polypeptide(L)' RRKW(CIR)(CIR)WHL C
#
# COMPACT_ATOMS: atom_id res chain seq x y z
N GLY A 1 21.46 4.76 -1.34
CA GLY A 1 20.28 5.58 -0.96
C GLY A 1 19.72 5.05 0.34
N SER A 2 18.49 5.42 0.68
CA SER A 2 17.85 4.95 1.90
C SER A 2 16.81 3.89 1.61
N HIS A 3 16.74 2.88 2.48
CA HIS A 3 15.85 1.75 2.23
C HIS A 3 15.08 1.36 3.48
N SER A 4 13.99 0.60 3.28
CA SER A 4 13.11 0.21 4.37
C SER A 4 12.70 -1.25 4.21
N MET A 5 12.42 -1.88 5.34
CA MET A 5 11.79 -3.20 5.35
C MET A 5 10.59 -3.10 6.30
N ARG A 6 9.43 -3.62 5.88
CA ARG A 6 8.24 -3.59 6.72
C ARG A 6 7.53 -4.90 6.64
N TYR A 7 7.07 -5.39 7.80
CA TYR A 7 6.14 -6.52 7.83
C TYR A 7 4.79 -6.02 8.32
N PHE A 8 3.73 -6.31 7.56
CA PHE A 8 2.40 -5.83 7.90
C PHE A 8 1.57 -7.04 8.21
N HIS A 9 0.67 -6.90 9.19
CA HIS A 9 -0.12 -8.02 9.67
C HIS A 9 -1.54 -7.51 9.91
N THR A 10 -2.53 -8.27 9.45
CA THR A 10 -3.94 -7.96 9.69
C THR A 10 -4.75 -9.21 10.07
N SER A 11 -5.33 -9.20 11.27
CA SER A 11 -6.32 -10.21 11.64
C SER A 11 -7.69 -9.58 11.71
N VAL A 12 -8.68 -10.29 11.13
CA VAL A 12 -10.06 -9.83 11.11
C VAL A 12 -10.94 -10.97 11.64
N SER A 13 -11.66 -10.70 12.73
CA SER A 13 -12.52 -11.71 13.33
C SER A 13 -13.82 -11.80 12.54
N ARG A 14 -14.47 -12.96 12.60
CA ARG A 14 -15.69 -13.17 11.85
C ARG A 14 -16.57 -14.13 12.64
N PRO A 15 -17.20 -13.63 13.72
CA PRO A 15 -18.01 -14.44 14.65
C PRO A 15 -19.02 -15.29 13.90
N GLY A 16 -19.02 -16.58 14.21
CA GLY A 16 -19.95 -17.54 13.61
C GLY A 16 -19.50 -18.02 12.24
N ARG A 17 -18.33 -17.53 11.81
CA ARG A 17 -17.78 -17.92 10.50
C ARG A 17 -16.35 -18.41 10.66
N GLY A 18 -16.12 -19.21 11.70
CA GLY A 18 -14.81 -19.79 11.94
C GLY A 18 -13.89 -18.80 12.63
N GLU A 19 -12.60 -19.11 12.61
CA GLU A 19 -11.59 -18.28 13.25
C GLU A 19 -11.18 -17.08 12.39
N PRO A 20 -10.53 -16.06 13.00
CA PRO A 20 -10.16 -14.86 12.27
C PRO A 20 -9.29 -15.18 11.05
N ARG A 21 -9.44 -14.39 10.00
CA ARG A 21 -8.53 -14.49 8.86
C ARG A 21 -7.28 -13.67 9.15
N PHE A 22 -6.12 -14.26 8.87
CA PHE A 22 -4.82 -13.64 9.09
C PHE A 22 -4.09 -13.49 7.76
N ILE A 23 -3.63 -12.28 7.50
CA ILE A 23 -2.87 -11.97 6.28
C ILE A 23 -1.69 -11.11 6.67
N THR A 24 -0.50 -11.53 6.27
CA THR A 24 0.70 -10.75 6.50
C THR A 24 1.55 -10.70 5.25
N VAL A 25 2.18 -9.56 5.04
CA VAL A 25 2.99 -9.34 3.84
C VAL A 25 4.26 -8.63 4.29
N GLY A 26 5.34 -8.87 3.56
CA GLY A 26 6.60 -8.16 3.80
C GLY A 26 6.97 -7.31 2.60
N TYR A 27 7.56 -6.15 2.86
CA TYR A 27 7.97 -5.22 1.83
C TYR A 27 9.40 -4.81 2.08
N VAL A 28 10.16 -4.68 0.99
CA VAL A 28 11.39 -3.89 0.96
C VAL A 28 11.08 -2.68 0.08
N ASP A 29 11.22 -1.49 0.65
CA ASP A 29 10.83 -0.25 -0.02
C ASP A 29 9.44 -0.56 -0.63
N ASP A 30 9.22 -0.17 -1.89
CA ASP A 30 7.88 -0.36 -2.50
C ASP A 30 7.66 -1.72 -3.16
N THR A 31 8.45 -2.70 -2.75
CA THR A 31 8.38 -4.02 -3.33
C THR A 31 7.88 -5.07 -2.34
N LEU A 32 6.68 -5.59 -2.62
CA LEU A 32 6.17 -6.77 -1.93
C LEU A 32 7.09 -7.96 -2.20
N PHE A 33 7.53 -8.65 -1.15
CA PHE A 33 8.43 -9.80 -1.36
C PHE A 33 8.00 -11.15 -0.75
N VAL A 34 7.14 -11.10 0.28
CA VAL A 34 6.59 -12.32 0.89
C VAL A 34 5.13 -12.09 1.29
N ARG A 35 4.38 -13.18 1.35
CA ARG A 35 2.98 -13.13 1.78
C ARG A 35 2.57 -14.44 2.46
N PHE A 36 1.62 -14.33 3.39
CA PHE A 36 1.05 -15.47 4.08
C PHE A 36 -0.43 -15.17 4.29
N ASP A 37 -1.28 -16.11 3.91
CA ASP A 37 -2.72 -15.98 4.12
C ASP A 37 -3.21 -17.25 4.84
N SER A 38 -3.73 -17.07 6.06
CA SER A 38 -4.22 -18.20 6.86
C SER A 38 -5.27 -19.06 6.14
N ASP A 39 -6.05 -18.43 5.26
CA ASP A 39 -7.10 -19.14 4.52
C ASP A 39 -6.60 -19.88 3.29
N ALA A 40 -5.33 -19.67 2.91
CA ALA A 40 -4.74 -20.33 1.73
C ALA A 40 -4.78 -21.86 1.84
N ALA A 41 -4.78 -22.52 0.67
CA ALA A 41 -4.96 -23.98 0.57
C ALA A 41 -4.23 -24.71 1.68
N SER A 42 -2.90 -24.60 1.69
CA SER A 42 -2.09 -25.09 2.80
C SER A 42 -1.09 -23.98 3.15
N PRO A 43 -1.40 -23.19 4.19
CA PRO A 43 -0.72 -21.93 4.42
C PRO A 43 0.80 -22.05 4.55
N ARG A 44 1.51 -21.41 3.62
CA ARG A 44 2.95 -21.28 3.66
C ARG A 44 3.27 -19.82 3.42
N GLU A 45 4.35 -19.32 3.99
CA GLU A 45 4.85 -18.05 3.47
C GLU A 45 5.43 -18.29 2.08
N GLU A 46 5.02 -17.44 1.14
CA GLU A 46 5.34 -17.58 -0.27
C GLU A 46 6.15 -16.39 -0.79
N PRO A 47 7.09 -16.66 -1.72
CA PRO A 47 7.85 -15.59 -2.39
C PRO A 47 6.97 -14.73 -3.31
N ARG A 48 7.24 -13.42 -3.33
CA ARG A 48 6.53 -12.51 -4.23
C ARG A 48 7.48 -11.64 -5.04
N ALA A 49 8.77 -11.86 -4.83
CA ALA A 49 9.82 -11.20 -5.59
C ALA A 49 10.88 -12.21 -5.98
N PRO A 50 11.53 -12.02 -7.14
CA PRO A 50 12.44 -13.06 -7.63
C PRO A 50 13.71 -13.22 -6.80
N TRP A 51 14.20 -12.14 -6.18
CA TRP A 51 15.42 -12.18 -5.37
C TRP A 51 15.31 -12.91 -4.03
N ILE A 52 14.09 -13.17 -3.57
CA ILE A 52 13.89 -13.91 -2.34
C ILE A 52 13.75 -15.44 -2.58
N GLU A 53 13.47 -15.81 -3.82
CA GLU A 53 13.26 -17.22 -4.22
C GLU A 53 14.49 -18.10 -4.00
N GLN A 54 15.66 -17.46 -3.90
CA GLN A 54 16.91 -18.15 -3.70
C GLN A 54 17.17 -18.58 -2.25
N GLU A 55 16.39 -18.03 -1.31
CA GLU A 55 16.47 -18.46 0.09
C GLU A 55 16.03 -19.91 0.19
N GLY A 56 16.77 -20.70 0.98
CA GLY A 56 16.59 -22.14 1.06
C GLY A 56 15.35 -22.60 1.82
N PRO A 57 15.11 -23.92 1.86
CA PRO A 57 13.97 -24.56 2.51
C PRO A 57 13.83 -24.15 3.97
N GLU A 58 14.96 -23.98 4.65
CA GLU A 58 14.97 -23.61 6.08
C GLU A 58 14.45 -22.19 6.34
N TYR A 59 14.75 -21.27 5.42
CA TYR A 59 14.19 -19.91 5.46
C TYR A 59 12.67 -19.97 5.43
N TRP A 60 12.12 -20.74 4.50
CA TRP A 60 10.68 -20.80 4.29
C TRP A 60 9.92 -21.52 5.39
N ASP A 61 10.54 -22.55 5.95
CA ASP A 61 9.99 -23.26 7.10
C ASP A 61 9.89 -22.34 8.33
N ARG A 62 10.97 -21.60 8.60
CA ARG A 62 11.02 -20.69 9.74
C ARG A 62 10.01 -19.54 9.61
N GLU A 63 10.04 -18.86 8.46
CA GLU A 63 9.07 -17.80 8.16
C GLU A 63 7.63 -18.30 8.33
N THR A 64 7.35 -19.47 7.75
CA THR A 64 6.01 -20.06 7.82
C THR A 64 5.61 -20.36 9.26
N GLN A 65 6.55 -20.85 10.06
CA GLN A 65 6.30 -21.14 11.46
C GLN A 65 6.03 -19.84 12.24
N ILE A 66 6.84 -18.83 11.98
CA ILE A 66 6.61 -17.52 12.59
C ILE A 66 5.22 -16.96 12.25
N CYS A 67 4.80 -17.07 10.98
CA CYS A 67 3.47 -16.62 10.56
C CYS A 67 2.33 -17.39 11.25
N LYS A 68 2.50 -18.70 11.37
CA LYS A 68 1.52 -19.56 12.06
C LYS A 68 1.41 -19.19 13.55
N ALA A 69 2.56 -18.99 14.20
CA ALA A 69 2.61 -18.53 15.59
C ALA A 69 1.92 -17.16 15.77
N LYS A 70 2.21 -16.24 14.84
CA LYS A 70 1.63 -14.89 14.88
C LYS A 70 0.12 -14.93 14.70
N ALA A 71 -0.38 -15.74 13.75
CA ALA A 71 -1.82 -15.92 13.53
C ALA A 71 -2.55 -16.34 14.81
N GLN A 72 -1.98 -17.30 15.53
CA GLN A 72 -2.55 -17.82 16.77
CA GLN A 72 -2.65 -17.75 16.73
C GLN A 72 -2.51 -16.80 17.90
N THR A 73 -1.38 -16.10 18.00
CA THR A 73 -1.23 -15.03 19.01
C THR A 73 -2.29 -13.95 18.74
N ASP A 74 -2.44 -13.59 17.47
CA ASP A 74 -3.49 -12.64 17.06
C ASP A 74 -4.89 -13.08 17.45
N ARG A 75 -5.19 -14.38 17.31
CA ARG A 75 -6.48 -14.92 17.75
CA ARG A 75 -6.48 -14.94 17.76
C ARG A 75 -6.69 -14.66 19.24
N GLU A 76 -5.67 -14.95 20.05
CA GLU A 76 -5.76 -14.69 21.49
C GLU A 76 -5.92 -13.19 21.77
N ASP A 77 -5.14 -12.36 21.08
CA ASP A 77 -5.13 -10.90 21.33
C ASP A 77 -6.47 -10.25 20.99
N LEU A 78 -7.11 -10.71 19.90
CA LEU A 78 -8.47 -10.31 19.57
C LEU A 78 -9.45 -10.59 20.71
N ARG A 79 -9.32 -11.76 21.34
CA ARG A 79 -10.17 -12.12 22.48
C ARG A 79 -9.89 -11.23 23.68
N THR A 80 -8.61 -10.95 23.91
CA THR A 80 -8.17 -10.03 24.97
C THR A 80 -8.78 -8.64 24.76
N LEU A 81 -8.73 -8.13 23.53
CA LEU A 81 -9.25 -6.80 23.24
C LEU A 81 -10.74 -6.64 23.49
N LEU A 82 -11.53 -7.68 23.20
CA LEU A 82 -12.94 -7.71 23.59
C LEU A 82 -13.12 -7.44 25.07
N ARG A 83 -12.30 -8.11 25.89
CA ARG A 83 -12.29 -7.88 27.34
C ARG A 83 -11.91 -6.44 27.69
N TYR A 84 -10.78 -5.96 27.16
CA TYR A 84 -10.25 -4.62 27.50
C TYR A 84 -11.25 -3.50 27.18
N TYR A 85 -12.07 -3.69 26.14
CA TYR A 85 -13.03 -2.66 25.72
C TYR A 85 -14.50 -2.98 26.03
N ASN A 86 -14.72 -4.00 26.86
CA ASN A 86 -16.08 -4.41 27.29
C ASN A 86 -17.00 -4.60 26.09
N GLN A 87 -16.48 -5.31 25.09
CA GLN A 87 -17.22 -5.53 23.83
C GLN A 87 -17.87 -6.90 23.77
N SER A 88 -19.02 -6.96 23.11
CA SER A 88 -19.69 -8.25 22.90
C SER A 88 -18.90 -9.11 21.91
N GLU A 89 -19.30 -10.37 21.80
CA GLU A 89 -18.67 -11.29 20.86
C GLU A 89 -19.38 -11.28 19.49
N ALA A 90 -20.28 -10.32 19.31
CA ALA A 90 -21.12 -10.26 18.11
C ALA A 90 -20.44 -9.68 16.86
N GLY A 91 -19.54 -8.72 17.06
CA GLY A 91 -19.05 -7.92 15.94
C GLY A 91 -17.73 -8.40 15.37
N SER A 92 -17.44 -8.00 14.14
CA SER A 92 -16.15 -8.25 13.54
C SER A 92 -15.16 -7.19 13.99
N HIS A 93 -13.96 -7.60 14.38
CA HIS A 93 -12.91 -6.65 14.80
C HIS A 93 -11.58 -6.83 14.05
N THR A 94 -10.81 -5.74 14.00
CA THR A 94 -9.57 -5.71 13.24
C THR A 94 -8.37 -5.45 14.12
N LEU A 95 -7.35 -6.29 13.98
CA LEU A 95 -6.09 -6.11 14.68
C LEU A 95 -4.95 -6.00 13.67
N GLN A 96 -4.21 -4.90 13.74
CA GLN A 96 -3.11 -4.63 12.82
C GLN A 96 -1.82 -4.43 13.58
N ASN A 97 -0.73 -4.86 12.97
CA ASN A 97 0.60 -4.63 13.52
C ASN A 97 1.57 -4.43 12.38
N MET A 98 2.46 -3.45 12.54
CA MET A 98 3.56 -3.29 11.61
CA MET A 98 3.55 -3.24 11.60
C MET A 98 4.85 -3.19 12.39
N TYR A 99 5.91 -3.77 11.84
CA TYR A 99 7.26 -3.55 12.36
C TYR A 99 8.27 -3.56 11.21
N GLY A 100 9.43 -2.98 11.46
CA GLY A 100 10.48 -2.96 10.47
C GLY A 100 11.51 -1.89 10.76
N CYS A 101 12.35 -1.62 9.78
CA CYS A 101 13.49 -0.73 10.00
C CYS A 101 13.81 0.06 8.74
N ASP A 102 14.38 1.24 8.96
CA ASP A 102 14.85 2.11 7.90
C ASP A 102 16.37 2.13 8.00
N VAL A 103 17.06 2.00 6.88
CA VAL A 103 18.52 2.17 6.86
C VAL A 103 18.93 3.27 5.89
N GLY A 104 20.03 3.95 6.23
CA GLY A 104 20.58 4.99 5.36
C GLY A 104 21.47 4.41 4.29
N PRO A 105 22.10 5.28 3.46
CA PRO A 105 22.97 4.86 2.37
C PRO A 105 24.12 3.93 2.78
N ASP A 106 24.58 4.07 4.02
CA ASP A 106 25.67 3.29 4.58
C ASP A 106 25.24 1.93 5.10
N GLY A 107 23.93 1.73 5.23
CA GLY A 107 23.39 0.46 5.72
C GLY A 107 23.25 0.43 7.23
N ARG A 108 23.31 1.60 7.85
CA ARG A 108 23.11 1.71 9.28
CA ARG A 108 23.12 1.73 9.29
C ARG A 108 21.65 2.05 9.60
N LEU A 109 21.16 1.52 10.72
CA LEU A 109 19.81 1.78 11.19
C LEU A 109 19.54 3.29 11.33
N LEU A 110 18.46 3.73 10.69
CA LEU A 110 18.00 5.10 10.83
C LEU A 110 16.90 5.17 11.89
N ARG A 111 15.97 4.21 11.85
CA ARG A 111 14.77 4.21 12.68
C ARG A 111 14.21 2.80 12.70
N GLY A 112 13.80 2.34 13.88
CA GLY A 112 13.10 1.06 14.03
C GLY A 112 11.64 1.34 14.31
N TYR A 113 10.75 0.43 13.91
CA TYR A 113 9.30 0.61 14.10
C TYR A 113 8.66 -0.67 14.65
N HIS A 114 7.63 -0.49 15.49
CA HIS A 114 6.77 -1.56 15.94
C HIS A 114 5.53 -0.93 16.56
N GLN A 115 4.38 -1.16 15.94
CA GLN A 115 3.15 -0.52 16.38
C GLN A 115 1.90 -1.33 16.04
N HIS A 116 0.89 -1.13 16.87
CA HIS A 116 -0.38 -1.85 16.80
C HIS A 116 -1.55 -0.88 16.68
N ALA A 117 -2.59 -1.35 15.99
CA ALA A 117 -3.87 -0.69 15.92
C ALA A 117 -5.01 -1.70 16.11
N TYR A 118 -6.07 -1.23 16.74
CA TYR A 118 -7.27 -2.02 16.94
C TYR A 118 -8.44 -1.27 16.35
N ASP A 119 -9.18 -1.93 15.48
CA ASP A 119 -10.31 -1.33 14.78
C ASP A 119 -9.95 0.00 14.13
N GLY A 120 -8.78 0.02 13.50
CA GLY A 120 -8.35 1.16 12.71
C GLY A 120 -7.68 2.31 13.43
N LYS A 121 -7.59 2.23 14.77
CA LYS A 121 -6.97 3.31 15.50
C LYS A 121 -5.78 2.88 16.35
N ASP A 122 -4.83 3.80 16.55
CA ASP A 122 -3.63 3.52 17.34
C ASP A 122 -3.99 2.86 18.64
N TYR A 123 -3.26 1.79 18.94
CA TYR A 123 -3.40 1.06 20.18
C TYR A 123 -2.14 1.27 21.05
N ILE A 124 -1.03 0.67 20.62
CA ILE A 124 0.26 0.87 21.30
C ILE A 124 1.36 0.92 20.24
N ALA A 125 2.39 1.71 20.53
CA ALA A 125 3.51 1.87 19.62
C ALA A 125 4.81 1.90 20.41
N LEU A 126 5.82 1.23 19.85
CA LEU A 126 7.18 1.32 20.37
C LEU A 126 7.74 2.67 19.94
N ASN A 127 8.34 3.38 20.89
CA ASN A 127 8.88 4.72 20.61
C ASN A 127 10.20 4.59 19.84
N GLU A 128 10.67 5.71 19.29
CA GLU A 128 11.90 5.74 18.47
C GLU A 128 13.13 5.24 19.23
N ASP A 129 13.14 5.43 20.56
CA ASP A 129 14.25 5.00 21.41
C ASP A 129 14.36 3.47 21.48
N LEU A 130 13.34 2.78 20.96
CA LEU A 130 13.22 1.32 21.01
C LEU A 130 13.32 0.79 22.45
N SER A 131 12.88 1.64 23.39
CA SER A 131 12.94 1.30 24.80
C SER A 131 11.69 1.69 25.59
N SER A 132 10.88 2.60 25.06
CA SER A 132 9.68 3.06 25.77
C SER A 132 8.42 2.96 24.90
N TRP A 133 7.25 2.97 25.54
CA TRP A 133 5.97 2.73 24.87
C TRP A 133 5.06 3.93 24.88
N THR A 134 4.31 4.12 23.80
CA THR A 134 3.16 5.03 23.78
C THR A 134 1.83 4.28 23.68
N ALA A 135 1.05 4.32 24.77
CA ALA A 135 -0.25 3.66 24.82
C ALA A 135 -1.32 4.69 24.53
N ALA A 136 -2.26 4.37 23.63
CA ALA A 136 -3.26 5.33 23.18
C ALA A 136 -4.37 5.59 24.21
N ASP A 137 -4.61 4.61 25.10
CA ASP A 137 -5.74 4.66 26.03
C ASP A 137 -5.48 3.75 27.22
N THR A 138 -6.45 3.67 28.13
CA THR A 138 -6.28 2.88 29.35
C THR A 138 -6.24 1.37 29.12
N ALA A 139 -6.86 0.90 28.04
CA ALA A 139 -6.72 -0.49 27.63
C ALA A 139 -5.29 -0.81 27.20
N ALA A 140 -4.75 0.02 26.31
CA ALA A 140 -3.38 -0.15 25.85
C ALA A 140 -2.38 -0.05 26.99
N GLN A 141 -2.70 0.76 28.00
CA GLN A 141 -1.88 0.83 29.21
C GLN A 141 -1.71 -0.53 29.89
N ILE A 142 -2.73 -1.39 29.80
CA ILE A 142 -2.62 -2.74 30.36
C ILE A 142 -1.56 -3.54 29.61
N THR A 143 -1.56 -3.41 28.29
CA THR A 143 -0.52 -4.05 27.47
C THR A 143 0.85 -3.47 27.82
N GLN A 144 0.91 -2.13 27.94
CA GLN A 144 2.16 -1.46 28.26
C GLN A 144 2.77 -2.02 29.54
N ARG A 145 1.95 -2.14 30.59
CA ARG A 145 2.42 -2.67 31.87
C ARG A 145 2.93 -4.10 31.73
N LYS A 146 2.23 -4.91 30.94
CA LYS A 146 2.61 -6.28 30.66
C LYS A 146 3.92 -6.35 29.90
N TRP A 147 4.07 -5.48 28.90
CA TRP A 147 5.26 -5.47 28.05
C TRP A 147 6.49 -4.88 28.77
N GLU A 148 6.25 -3.96 29.68
CA GLU A 148 7.34 -3.43 30.52
C GLU A 148 7.85 -4.52 31.48
N ALA A 149 6.92 -5.24 32.11
CA ALA A 149 7.25 -6.36 32.99
C ALA A 149 8.04 -7.47 32.29
N ALA A 150 7.67 -7.77 31.03
CA ALA A 150 8.30 -8.84 30.28
C ALA A 150 9.48 -8.38 29.41
N ARG A 151 9.83 -7.10 29.53
CA ARG A 151 10.96 -6.50 28.79
C ARG A 151 10.94 -6.77 27.25
N VAL A 152 9.76 -6.60 26.69
CA VAL A 152 9.52 -6.81 25.25
C VAL A 152 10.28 -5.80 24.38
N ALA A 153 10.37 -4.54 24.85
CA ALA A 153 11.05 -3.50 24.09
C ALA A 153 12.52 -3.84 23.81
N GLU A 154 13.19 -4.40 24.83
CA GLU A 154 14.56 -4.89 24.69
C GLU A 154 14.69 -5.97 23.60
N GLN A 155 13.71 -6.86 23.57
CA GLN A 155 13.69 -7.96 22.60
C GLN A 155 13.48 -7.42 21.18
N LEU A 156 12.60 -6.44 21.06
CA LEU A 156 12.36 -5.79 19.78
C LEU A 156 13.57 -4.96 19.35
N ARG A 157 14.17 -4.22 20.29
CA ARG A 157 15.37 -3.43 19.98
C ARG A 157 16.49 -4.30 19.39
N ALA A 158 16.71 -5.46 20.00
CA ALA A 158 17.77 -6.38 19.55
C ALA A 158 17.57 -6.81 18.09
N TYR A 159 16.34 -7.15 17.74
CA TYR A 159 15.99 -7.52 16.39
C TYR A 159 16.08 -6.34 15.43
N LEU A 160 15.48 -5.21 15.80
CA LEU A 160 15.40 -4.05 14.93
C LEU A 160 16.78 -3.48 14.54
N GLU A 161 17.68 -3.41 15.52
CA GLU A 161 19.05 -2.96 15.32
C GLU A 161 19.92 -4.01 14.65
N GLY A 162 19.55 -5.27 14.82
CA GLY A 162 20.39 -6.39 14.43
C GLY A 162 19.91 -7.08 13.17
N GLU A 163 19.12 -8.13 13.34
CA GLU A 163 18.63 -8.95 12.22
C GLU A 163 17.87 -8.16 11.16
N CYS A 164 17.02 -7.22 11.58
CA CYS A 164 16.22 -6.44 10.65
C CYS A 164 17.13 -5.77 9.62
N VAL A 165 18.11 -5.03 10.14
CA VAL A 165 19.10 -4.32 9.32
C VAL A 165 19.96 -5.26 8.47
N GLU A 166 20.50 -6.31 9.10
CA GLU A 166 21.35 -7.31 8.43
C GLU A 166 20.64 -7.98 7.23
N TRP A 167 19.41 -8.42 7.47
CA TRP A 167 18.64 -9.11 6.42
C TRP A 167 18.20 -8.12 5.33
N LEU A 168 17.84 -6.90 5.73
CA LEU A 168 17.59 -5.83 4.76
C LEU A 168 18.78 -5.64 3.80
N ARG A 169 19.99 -5.48 4.32
CA ARG A 169 21.20 -5.30 3.50
CA ARG A 169 21.18 -5.29 3.48
C ARG A 169 21.40 -6.49 2.56
N ARG A 170 21.16 -7.69 3.07
CA ARG A 170 21.25 -8.92 2.28
C ARG A 170 20.24 -8.90 1.13
N TYR A 171 19.00 -8.51 1.43
CA TYR A 171 17.94 -8.45 0.43
C TYR A 171 18.29 -7.42 -0.64
N LEU A 172 18.78 -6.26 -0.22
CA LEU A 172 19.18 -5.19 -1.16
C LEU A 172 20.27 -5.61 -2.15
N GLU A 173 21.27 -6.35 -1.65
CA GLU A 173 22.30 -6.95 -2.49
C GLU A 173 21.75 -8.04 -3.42
N ASN A 174 20.99 -8.98 -2.85
CA ASN A 174 20.42 -10.05 -3.65
C ASN A 174 19.46 -9.55 -4.72
N GLY A 175 18.68 -8.51 -4.38
CA GLY A 175 17.79 -7.85 -5.33
C GLY A 175 18.32 -6.57 -5.95
N LYS A 176 19.63 -6.43 -6.05
CA LYS A 176 20.22 -5.17 -6.53
C LYS A 176 19.76 -4.74 -7.94
N GLU A 177 19.41 -5.72 -8.78
CA GLU A 177 18.97 -5.46 -10.15
C GLU A 177 17.72 -4.58 -10.20
N THR A 178 16.83 -4.79 -9.23
CA THR A 178 15.55 -4.11 -9.17
C THR A 178 15.43 -3.13 -7.99
N LEU A 179 15.83 -3.56 -6.80
CA LEU A 179 15.67 -2.75 -5.58
C LEU A 179 16.55 -1.51 -5.61
N GLN A 180 17.70 -1.63 -6.26
CA GLN A 180 18.62 -0.51 -6.39
C GLN A 180 18.61 0.09 -7.81
N ARG A 181 17.54 -0.19 -8.54
CA ARG A 181 17.28 0.48 -9.82
C ARG A 181 16.05 1.38 -9.72
N ALA A 182 16.27 2.68 -9.90
CA ALA A 182 15.18 3.64 -9.98
C ALA A 182 14.78 3.80 -11.42
N ASP A 183 13.51 3.51 -11.74
CA ASP A 183 13.00 3.70 -13.08
C ASP A 183 12.34 5.07 -13.16
N PRO A 184 12.79 5.90 -14.10
CA PRO A 184 12.24 7.26 -14.26
C PRO A 184 10.80 7.24 -14.77
N PRO A 185 10.03 8.29 -14.47
CA PRO A 185 8.71 8.40 -15.10
C PRO A 185 8.83 8.64 -16.60
N LYS A 186 7.94 8.02 -17.37
CA LYS A 186 7.69 8.46 -18.74
C LYS A 186 6.61 9.52 -18.63
N THR A 187 6.87 10.69 -19.22
CA THR A 187 6.02 11.86 -18.99
C THR A 187 5.45 12.45 -20.29
N HIS A 188 4.22 12.94 -20.18
CA HIS A 188 3.57 13.65 -21.28
C HIS A 188 2.44 14.53 -20.74
N VAL A 189 2.06 15.53 -21.52
CA VAL A 189 0.99 16.44 -21.12
C VAL A 189 -0.19 16.34 -22.09
N THR A 190 -1.38 16.18 -21.52
CA THR A 190 -2.60 16.11 -22.32
C THR A 190 -3.49 17.34 -22.07
N HIS A 191 -4.36 17.61 -23.04
CA HIS A 191 -5.18 18.81 -23.07
C HIS A 191 -6.64 18.40 -23.22
N HIS A 192 -7.49 18.92 -22.32
CA HIS A 192 -8.89 18.51 -22.29
C HIS A 192 -9.82 19.73 -22.20
N PRO A 193 -10.37 20.16 -23.35
CA PRO A 193 -11.28 21.32 -23.34
C PRO A 193 -12.42 21.13 -22.34
N ILE A 194 -12.75 22.20 -21.63
CA ILE A 194 -13.89 22.23 -20.72
C ILE A 194 -15.04 22.98 -21.39
N SER A 195 -14.69 24.11 -22.00
CA SER A 195 -15.65 24.99 -22.65
C SER A 195 -14.88 25.82 -23.69
N ASP A 196 -15.53 26.84 -24.23
CA ASP A 196 -14.85 27.75 -25.15
C ASP A 196 -13.83 28.63 -24.39
N HIS A 197 -13.96 28.67 -23.07
CA HIS A 197 -13.16 29.58 -22.24
C HIS A 197 -11.97 28.94 -21.55
N GLU A 198 -12.07 27.64 -21.24
CA GLU A 198 -11.00 26.98 -20.49
C GLU A 198 -10.77 25.52 -20.83
N ALA A 199 -9.64 25.00 -20.38
CA ALA A 199 -9.27 23.60 -20.59
C ALA A 199 -8.43 23.07 -19.44
N THR A 200 -8.45 21.75 -19.28
CA THR A 200 -7.62 21.05 -18.30
C THR A 200 -6.31 20.60 -18.93
N LEU A 201 -5.19 20.98 -18.31
CA LEU A 201 -3.91 20.44 -18.69
C LEU A 201 -3.56 19.34 -17.69
N ARG A 202 -3.29 18.14 -18.19
CA ARG A 202 -2.97 17.02 -17.31
C ARG A 202 -1.55 16.52 -17.59
N CYS A 203 -0.72 16.54 -16.55
CA CYS A 203 0.65 16.09 -16.65
C CYS A 203 0.77 14.67 -16.11
N TRP A 204 1.22 13.78 -16.98
CA TRP A 204 1.30 12.37 -16.65
C TRP A 204 2.70 11.92 -16.26
N ALA A 205 2.76 10.99 -15.31
CA ALA A 205 4.01 10.32 -14.96
C ALA A 205 3.71 8.84 -14.87
N LEU A 206 4.33 8.04 -15.73
CA LEU A 206 4.04 6.62 -15.83
C LEU A 206 5.31 5.78 -15.77
N GLY A 207 5.19 4.57 -15.24
CA GLY A 207 6.27 3.58 -15.27
C GLY A 207 7.42 3.84 -14.32
N PHE A 208 7.20 4.61 -13.26
CA PHE A 208 8.28 4.95 -12.34
C PHE A 208 8.37 4.02 -11.12
N TYR A 209 9.59 3.90 -10.61
CA TYR A 209 9.89 3.16 -9.38
C TYR A 209 11.12 3.85 -8.77
N PRO A 210 11.10 4.11 -7.45
CA PRO A 210 10.05 3.84 -6.47
C PRO A 210 8.87 4.81 -6.58
N ALA A 211 7.90 4.66 -5.69
CA ALA A 211 6.67 5.46 -5.75
C ALA A 211 6.87 6.97 -5.52
N GLU A 212 7.88 7.33 -4.73
CA GLU A 212 8.18 8.74 -4.42
C GLU A 212 8.36 9.59 -5.67
N ILE A 213 7.58 10.67 -5.77
CA ILE A 213 7.60 11.54 -6.94
C ILE A 213 7.00 12.91 -6.57
N THR A 214 7.46 13.96 -7.26
CA THR A 214 6.85 15.29 -7.16
C THR A 214 6.38 15.73 -8.53
N LEU A 215 5.09 16.07 -8.62
CA LEU A 215 4.50 16.61 -9.84
C LEU A 215 3.84 17.92 -9.46
N THR A 216 4.26 19.00 -10.09
CA THR A 216 3.67 20.31 -9.79
C THR A 216 3.49 21.12 -11.06
N TRP A 217 2.53 22.04 -11.02
CA TRP A 217 2.28 22.94 -12.15
C TRP A 217 2.67 24.36 -11.79
N GLN A 218 3.30 25.04 -12.74
CA GLN A 218 3.61 26.44 -12.59
C GLN A 218 2.98 27.27 -13.70
N ARG A 219 2.68 28.53 -13.40
CA ARG A 219 2.26 29.52 -14.38
C ARG A 219 3.22 30.70 -14.32
N ASP A 220 3.92 30.93 -15.44
CA ASP A 220 4.98 31.95 -15.54
C ASP A 220 6.10 31.77 -14.50
N GLY A 221 6.25 30.55 -13.98
CA GLY A 221 7.25 30.25 -12.94
C GLY A 221 6.71 30.33 -11.52
N GLU A 222 5.42 30.62 -11.38
CA GLU A 222 4.75 30.68 -10.08
C GLU A 222 3.93 29.39 -9.87
N ASP A 223 4.18 28.70 -8.76
CA ASP A 223 3.52 27.41 -8.47
C ASP A 223 2.00 27.55 -8.29
N GLN A 224 1.26 26.72 -9.02
CA GLN A 224 -0.22 26.73 -8.99
C GLN A 224 -0.79 25.74 -7.98
N THR A 225 -0.23 25.77 -6.78
CA THR A 225 -0.44 24.76 -5.74
C THR A 225 -1.92 24.50 -5.41
N GLN A 226 -2.65 25.56 -5.06
CA GLN A 226 -4.07 25.48 -4.73
C GLN A 226 -4.96 25.06 -5.89
N ASP A 227 -4.51 25.37 -7.11
CA ASP A 227 -5.30 25.14 -8.32
C ASP A 227 -5.05 23.78 -9.00
N THR A 228 -4.17 22.97 -8.41
CA THR A 228 -3.80 21.67 -8.99
C THR A 228 -4.58 20.50 -8.37
N GLU A 229 -5.18 19.66 -9.22
CA GLU A 229 -5.75 18.37 -8.81
C GLU A 229 -4.69 17.28 -8.97
N LEU A 230 -4.48 16.52 -7.90
CA LEU A 230 -3.43 15.51 -7.84
C LEU A 230 -4.04 14.19 -7.42
N VAL A 231 -4.04 13.19 -8.30
CA VAL A 231 -4.50 11.86 -7.90
C VAL A 231 -3.44 11.18 -7.02
N GLU A 232 -3.92 10.33 -6.11
CA GLU A 232 -3.03 9.45 -5.35
C GLU A 232 -2.17 8.60 -6.29
N THR A 233 -0.90 8.49 -5.95
CA THR A 233 0.03 7.62 -6.68
C THR A 233 -0.52 6.19 -6.65
N ARG A 234 -0.59 5.56 -7.82
CA ARG A 234 -1.29 4.28 -7.99
C ARG A 234 -0.38 3.25 -8.66
N PRO A 235 -0.51 1.97 -8.25
CA PRO A 235 0.33 0.92 -8.80
C PRO A 235 -0.15 0.43 -10.18
N ALA A 236 0.81 0.24 -11.08
CA ALA A 236 0.51 -0.23 -12.44
C ALA A 236 0.31 -1.75 -12.52
N GLY A 237 0.86 -2.48 -11.53
CA GLY A 237 0.80 -3.95 -11.47
C GLY A 237 2.04 -4.69 -11.93
N ASP A 238 3.00 -3.94 -12.47
CA ASP A 238 4.27 -4.45 -13.00
C ASP A 238 5.49 -3.92 -12.22
N ARG A 239 5.25 -3.62 -10.94
CA ARG A 239 6.20 -2.99 -9.99
C ARG A 239 6.32 -1.46 -10.08
N THR A 240 5.72 -0.86 -11.09
CA THR A 240 5.87 0.56 -11.34
C THR A 240 4.62 1.30 -10.85
N PHE A 241 4.71 2.64 -10.83
CA PHE A 241 3.64 3.49 -10.31
C PHE A 241 3.24 4.54 -11.33
N GLN A 242 2.07 5.15 -11.11
CA GLN A 242 1.53 6.19 -11.97
C GLN A 242 1.02 7.34 -11.12
N LYS A 243 1.03 8.53 -11.71
CA LYS A 243 0.44 9.71 -11.09
C LYS A 243 0.17 10.74 -12.18
N TRP A 244 -0.86 11.55 -11.97
CA TRP A 244 -1.02 12.75 -12.79
C TRP A 244 -1.38 13.97 -11.96
N ALA A 245 -1.12 15.14 -12.54
CA ALA A 245 -1.44 16.44 -11.95
C ALA A 245 -2.15 17.30 -12.99
N ALA A 246 -3.28 17.87 -12.62
CA ALA A 246 -4.09 18.67 -13.55
C ALA A 246 -4.34 20.11 -13.08
N VAL A 247 -4.41 21.04 -14.03
CA VAL A 247 -4.79 22.43 -13.77
C VAL A 247 -5.78 22.91 -14.81
N VAL A 248 -6.73 23.73 -14.37
CA VAL A 248 -7.69 24.37 -15.27
C VAL A 248 -7.06 25.66 -15.76
N VAL A 249 -6.92 25.79 -17.08
CA VAL A 249 -6.24 26.93 -17.67
C VAL A 249 -7.17 27.69 -18.63
N PRO A 250 -7.06 29.04 -18.66
CA PRO A 250 -7.83 29.80 -19.65
C PRO A 250 -7.36 29.47 -21.05
N SER A 251 -8.30 29.13 -21.93
CA SER A 251 -7.98 28.79 -23.31
C SER A 251 -7.11 29.85 -23.95
N GLY A 252 -6.04 29.42 -24.61
CA GLY A 252 -5.11 30.34 -25.24
C GLY A 252 -3.89 30.71 -24.39
N GLU A 253 -3.92 30.32 -23.12
CA GLU A 253 -2.83 30.62 -22.18
C GLU A 253 -2.01 29.39 -21.80
N GLU A 254 -2.21 28.29 -22.52
CA GLU A 254 -1.55 27.00 -22.23
C GLU A 254 -0.02 27.06 -22.12
N GLN A 255 0.62 27.82 -23.01
CA GLN A 255 2.08 27.92 -23.04
C GLN A 255 2.70 28.65 -21.85
N ARG A 256 1.87 29.22 -20.98
CA ARG A 256 2.35 29.86 -19.74
C ARG A 256 2.54 28.85 -18.61
N TYR A 257 2.03 27.64 -18.83
CA TYR A 257 2.03 26.59 -17.80
C TYR A 257 3.14 25.57 -18.04
N THR A 258 3.88 25.28 -16.96
CA THR A 258 4.95 24.29 -17.00
C THR A 258 4.71 23.24 -15.92
N CYS A 259 4.78 21.98 -16.31
CA CYS A 259 4.70 20.89 -15.35
C CYS A 259 6.11 20.49 -14.94
N HIS A 260 6.32 20.34 -13.64
CA HIS A 260 7.64 20.00 -13.11
C HIS A 260 7.66 18.61 -12.46
N VAL A 261 8.64 17.80 -12.87
CA VAL A 261 8.71 16.39 -12.47
C VAL A 261 10.06 16.08 -11.80
N GLN A 262 10.00 15.70 -10.54
CA GLN A 262 11.17 15.28 -9.78
C GLN A 262 11.06 13.80 -9.41
N HIS A 263 12.04 13.00 -9.84
CA HIS A 263 12.12 11.58 -9.48
C HIS A 263 13.55 11.05 -9.60
N GLU A 264 13.92 10.15 -8.67
CA GLU A 264 15.32 9.66 -8.57
C GLU A 264 15.90 8.98 -9.83
N GLY A 265 15.04 8.37 -10.64
CA GLY A 265 15.47 7.70 -11.87
C GLY A 265 15.80 8.64 -13.02
N LEU A 266 15.49 9.93 -12.87
CA LEU A 266 15.71 10.92 -13.92
C LEU A 266 17.15 11.43 -13.89
N PRO A 267 17.79 11.51 -15.06
CA PRO A 267 19.08 12.20 -15.12
C PRO A 267 18.96 13.61 -14.52
N LYS A 268 17.92 14.34 -14.93
CA LYS A 268 17.63 15.67 -14.40
C LYS A 268 16.12 15.94 -14.29
N PRO A 269 15.70 16.80 -13.34
CA PRO A 269 14.28 17.18 -13.24
C PRO A 269 13.73 17.69 -14.57
N LEU A 270 12.46 17.40 -14.84
CA LEU A 270 11.86 17.75 -16.12
C LEU A 270 10.96 18.98 -16.01
N THR A 271 10.91 19.73 -17.10
CA THR A 271 10.00 20.85 -17.26
C THR A 271 9.25 20.58 -18.56
N LEU A 272 7.96 20.25 -18.43
CA LEU A 272 7.14 19.89 -19.58
C LEU A 272 6.15 20.97 -19.93
N ARG A 273 5.81 21.02 -21.22
CA ARG A 273 4.78 21.90 -21.71
C ARG A 273 3.77 21.12 -22.56
N TRP A 274 2.54 21.65 -22.61
CA TRP A 274 1.57 21.18 -23.57
C TRP A 274 2.12 21.39 -24.98
N GLU A 275 2.16 20.32 -25.76
CA GLU A 275 2.69 20.36 -27.10
C GLU A 275 1.66 19.80 -28.10
N PRO A 276 0.86 20.71 -28.71
CA PRO A 276 -0.19 20.31 -29.65
C PRO A 276 0.40 19.75 -30.95
N MET B 1 -17.15 3.18 16.32
CA MET B 1 -15.92 2.89 15.52
C MET B 1 -15.86 3.74 14.25
N ILE B 2 -14.74 4.44 14.07
CA ILE B 2 -14.53 5.25 12.88
C ILE B 2 -14.37 4.37 11.64
N GLN B 3 -15.16 4.66 10.62
CA GLN B 3 -15.09 3.95 9.35
C GLN B 3 -14.63 4.94 8.30
N ARG B 4 -13.93 4.44 7.28
CA ARG B 4 -13.44 5.27 6.21
C ARG B 4 -13.84 4.69 4.87
N THR B 5 -14.41 5.53 4.01
CA THR B 5 -14.90 5.10 2.70
C THR B 5 -13.73 4.93 1.70
N PRO B 6 -13.78 3.91 0.83
CA PRO B 6 -12.68 3.73 -0.11
C PRO B 6 -12.54 4.82 -1.19
N LYS B 7 -11.30 5.26 -1.43
CA LYS B 7 -10.95 5.97 -2.64
C LYS B 7 -10.88 4.92 -3.73
N ILE B 8 -11.25 5.30 -4.96
CA ILE B 8 -11.32 4.38 -6.08
C ILE B 8 -10.68 5.00 -7.32
N GLN B 9 -9.73 4.31 -7.92
CA GLN B 9 -9.18 4.66 -9.22
C GLN B 9 -9.23 3.48 -10.18
N VAL B 10 -9.70 3.72 -11.41
CA VAL B 10 -9.76 2.70 -12.46
C VAL B 10 -8.92 3.17 -13.64
N TYR B 11 -8.01 2.33 -14.12
CA TYR B 11 -7.00 2.78 -15.10
C TYR B 11 -6.30 1.56 -15.71
N SER B 12 -5.56 1.78 -16.79
CA SER B 12 -4.80 0.72 -17.42
C SER B 12 -3.34 0.77 -17.00
N ARG B 13 -2.71 -0.40 -17.04
CA ARG B 13 -1.29 -0.55 -16.74
C ARG B 13 -0.42 0.23 -17.74
N HIS B 14 -0.71 0.07 -19.04
CA HIS B 14 -0.04 0.82 -20.09
C HIS B 14 -1.00 1.84 -20.69
N PRO B 15 -0.46 2.88 -21.37
CA PRO B 15 -1.35 3.76 -22.11
C PRO B 15 -2.24 2.94 -23.07
N ALA B 16 -3.52 3.28 -23.11
CA ALA B 16 -4.52 2.47 -23.82
C ALA B 16 -4.40 2.54 -25.34
N GLU B 17 -4.44 1.38 -25.96
CA GLU B 17 -4.36 1.25 -27.42
C GLU B 17 -5.35 0.22 -27.90
N ASN B 18 -6.35 0.67 -28.66
CA ASN B 18 -7.37 -0.23 -29.21
C ASN B 18 -6.75 -1.44 -29.91
N GLY B 19 -7.20 -2.63 -29.55
CA GLY B 19 -6.72 -3.87 -30.16
C GLY B 19 -5.42 -4.41 -29.59
N LYS B 20 -4.89 -3.72 -28.57
CA LYS B 20 -3.62 -4.13 -27.96
C LYS B 20 -3.86 -4.63 -26.53
N SER B 21 -3.32 -5.80 -26.22
CA SER B 21 -3.47 -6.40 -24.89
C SER B 21 -2.89 -5.48 -23.81
N ASN B 22 -3.55 -5.43 -22.66
CA ASN B 22 -3.24 -4.49 -21.59
C ASN B 22 -3.75 -5.05 -20.26
N PHE B 23 -3.65 -4.27 -19.19
CA PHE B 23 -4.24 -4.62 -17.90
C PHE B 23 -5.16 -3.53 -17.38
N LEU B 24 -6.36 -3.93 -16.97
CA LEU B 24 -7.30 -3.01 -16.35
C LEU B 24 -7.20 -3.13 -14.83
N ASN B 25 -6.98 -1.99 -14.18
CA ASN B 25 -6.77 -1.96 -12.74
C ASN B 25 -7.87 -1.20 -12.02
N CYS B 26 -8.28 -1.74 -10.86
CA CYS B 26 -9.08 -0.99 -9.93
C CYS B 26 -8.35 -0.94 -8.60
N TYR B 27 -7.91 0.26 -8.25
CA TYR B 27 -7.16 0.46 -7.00
C TYR B 27 -8.09 1.08 -5.97
N VAL B 28 -8.28 0.37 -4.87
CA VAL B 28 -9.11 0.84 -3.75
C VAL B 28 -8.21 1.06 -2.53
N SER B 29 -8.37 2.20 -1.88
CA SER B 29 -7.46 2.58 -0.83
C SER B 29 -8.16 3.49 0.17
N GLY B 30 -7.50 3.74 1.29
CA GLY B 30 -8.01 4.67 2.31
C GLY B 30 -9.25 4.21 3.08
N PHE B 31 -9.55 2.92 3.04
CA PHE B 31 -10.80 2.42 3.65
C PHE B 31 -10.64 1.64 4.96
N HIS B 32 -11.68 1.67 5.79
CA HIS B 32 -11.78 0.86 6.98
C HIS B 32 -13.26 0.64 7.32
N PRO B 33 -13.65 -0.58 7.74
CA PRO B 33 -12.88 -1.82 7.88
C PRO B 33 -12.43 -2.41 6.54
N SER B 34 -11.76 -3.57 6.60
CA SER B 34 -11.10 -4.13 5.44
C SER B 34 -12.01 -4.91 4.49
N ASP B 35 -13.20 -5.27 4.97
CA ASP B 35 -14.16 -6.02 4.15
C ASP B 35 -14.58 -5.13 2.99
N ILE B 36 -14.40 -5.62 1.78
CA ILE B 36 -14.75 -4.82 0.61
C ILE B 36 -15.10 -5.74 -0.54
N GLU B 37 -15.99 -5.27 -1.41
CA GLU B 37 -16.42 -6.04 -2.57
C GLU B 37 -16.07 -5.26 -3.82
N VAL B 38 -15.24 -5.86 -4.67
CA VAL B 38 -14.82 -5.19 -5.91
C VAL B 38 -15.09 -6.06 -7.14
N ASP B 39 -15.80 -5.47 -8.10
CA ASP B 39 -16.01 -6.09 -9.41
C ASP B 39 -15.45 -5.19 -10.50
N LEU B 40 -14.81 -5.79 -11.49
CA LEU B 40 -14.53 -5.08 -12.73
C LEU B 40 -15.61 -5.44 -13.75
N LEU B 41 -16.10 -4.43 -14.47
CA LEU B 41 -17.21 -4.63 -15.41
C LEU B 41 -16.78 -4.39 -16.85
N LYS B 42 -17.29 -5.24 -17.75
CA LYS B 42 -17.19 -5.03 -19.19
C LYS B 42 -18.59 -4.85 -19.74
N ASN B 43 -18.89 -3.63 -20.22
CA ASN B 43 -20.22 -3.25 -20.68
C ASN B 43 -21.32 -3.63 -19.67
N GLY B 44 -21.15 -3.20 -18.42
CA GLY B 44 -22.13 -3.43 -17.35
C GLY B 44 -22.10 -4.80 -16.68
N GLU B 45 -21.44 -5.77 -17.29
CA GLU B 45 -21.39 -7.15 -16.78
C GLU B 45 -20.06 -7.50 -16.12
N ARG B 46 -20.12 -8.36 -15.10
CA ARG B 46 -18.94 -8.72 -14.31
C ARG B 46 -17.92 -9.56 -15.07
N ILE B 47 -16.65 -9.10 -15.06
CA ILE B 47 -15.55 -9.88 -15.62
C ILE B 47 -15.15 -10.98 -14.64
N GLU B 48 -14.98 -12.19 -15.16
CA GLU B 48 -14.64 -13.36 -14.36
C GLU B 48 -13.14 -13.53 -14.13
N LYS B 49 -12.80 -14.21 -13.03
CA LYS B 49 -11.42 -14.58 -12.70
C LYS B 49 -10.47 -13.39 -12.46
N VAL B 50 -11.03 -12.28 -11.99
CA VAL B 50 -10.27 -11.06 -11.67
C VAL B 50 -9.38 -11.34 -10.47
N GLU B 51 -8.11 -11.00 -10.57
CA GLU B 51 -7.16 -11.24 -9.48
C GLU B 51 -7.04 -10.01 -8.61
N HIS B 52 -6.54 -10.22 -7.40
CA HIS B 52 -6.31 -9.10 -6.49
C HIS B 52 -5.08 -9.33 -5.62
N SER B 53 -4.52 -8.22 -5.15
CA SER B 53 -3.40 -8.22 -4.23
C SER B 53 -3.83 -8.69 -2.84
N ASP B 54 -2.87 -9.11 -2.03
CA ASP B 54 -3.14 -9.48 -0.65
C ASP B 54 -3.31 -8.22 0.18
N LEU B 55 -4.24 -8.27 1.13
CA LEU B 55 -4.53 -7.14 2.02
C LEU B 55 -3.29 -6.58 2.70
N SER B 56 -3.14 -5.26 2.56
CA SER B 56 -2.10 -4.52 3.25
C SER B 56 -2.64 -3.13 3.60
N PHE B 57 -1.83 -2.34 4.28
CA PHE B 57 -2.29 -1.07 4.81
C PHE B 57 -1.19 -0.02 4.81
N SER B 58 -1.65 1.22 4.84
CA SER B 58 -0.82 2.43 4.79
C SER B 58 -0.42 2.80 6.21
N LYS B 59 0.47 3.78 6.30
CA LYS B 59 1.01 4.19 7.61
C LYS B 59 -0.10 4.63 8.56
N ASP B 60 -1.19 5.17 8.01
CA ASP B 60 -2.36 5.57 8.82
C ASP B 60 -3.33 4.42 9.14
N TRP B 61 -2.93 3.19 8.85
CA TRP B 61 -3.72 1.96 9.09
C TRP B 61 -4.85 1.68 8.09
N SER B 62 -5.13 2.62 7.20
CA SER B 62 -6.20 2.42 6.20
C SER B 62 -5.75 1.36 5.19
N PHE B 63 -6.69 0.58 4.67
CA PHE B 63 -6.35 -0.54 3.80
C PHE B 63 -6.32 -0.15 2.35
N TYR B 64 -5.56 -0.92 1.57
CA TYR B 64 -5.58 -0.83 0.12
C TYR B 64 -5.50 -2.18 -0.56
N LEU B 65 -6.11 -2.25 -1.74
CA LEU B 65 -6.11 -3.45 -2.56
C LEU B 65 -6.05 -3.06 -4.03
N LEU B 66 -5.38 -3.88 -4.82
CA LEU B 66 -5.41 -3.72 -6.27
C LEU B 66 -6.09 -4.91 -6.91
N TYR B 67 -7.16 -4.63 -7.65
CA TYR B 67 -7.87 -5.66 -8.43
C TYR B 67 -7.49 -5.44 -9.89
N TYR B 68 -7.23 -6.54 -10.60
CA TYR B 68 -6.67 -6.45 -11.94
C TYR B 68 -7.01 -7.62 -12.84
N THR B 69 -7.13 -7.31 -14.13
CA THR B 69 -7.40 -8.30 -15.15
C THR B 69 -6.74 -7.89 -16.47
N GLU B 70 -6.28 -8.87 -17.24
CA GLU B 70 -5.85 -8.64 -18.63
C GLU B 70 -7.07 -8.23 -19.47
N PHE B 71 -6.89 -7.25 -20.35
CA PHE B 71 -7.96 -6.80 -21.22
C PHE B 71 -7.44 -6.16 -22.51
N THR B 72 -8.28 -6.19 -23.53
CA THR B 72 -7.94 -5.57 -24.81
C THR B 72 -8.98 -4.50 -25.10
N PRO B 73 -8.66 -3.23 -24.81
CA PRO B 73 -9.61 -2.14 -25.01
C PRO B 73 -9.94 -1.93 -26.48
N THR B 74 -11.18 -1.53 -26.74
CA THR B 74 -11.65 -1.22 -28.10
C THR B 74 -12.40 0.11 -28.01
N GLU B 75 -12.76 0.67 -29.15
CA GLU B 75 -13.50 1.93 -29.14
C GLU B 75 -14.90 1.77 -28.54
N LYS B 76 -15.53 0.62 -28.80
CA LYS B 76 -16.90 0.36 -28.37
C LYS B 76 -17.04 -0.05 -26.88
N ASP B 77 -16.17 -0.93 -26.41
CA ASP B 77 -16.28 -1.53 -25.08
C ASP B 77 -16.10 -0.56 -23.91
N GLU B 78 -17.03 -0.61 -22.97
CA GLU B 78 -17.00 0.20 -21.77
C GLU B 78 -16.55 -0.62 -20.57
N TYR B 79 -15.65 -0.03 -19.78
CA TYR B 79 -15.19 -0.68 -18.57
C TYR B 79 -15.45 0.16 -17.34
N ALA B 80 -15.59 -0.51 -16.21
CA ALA B 80 -15.88 0.12 -14.93
C ALA B 80 -15.44 -0.75 -13.76
N CYS B 81 -15.39 -0.14 -12.58
CA CYS B 81 -15.16 -0.84 -11.33
C CYS B 81 -16.37 -0.58 -10.44
N ARG B 82 -16.92 -1.65 -9.89
CA ARG B 82 -18.02 -1.55 -8.94
C ARG B 82 -17.54 -1.96 -7.57
N VAL B 83 -17.79 -1.09 -6.59
CA VAL B 83 -17.26 -1.28 -5.23
C VAL B 83 -18.38 -1.18 -4.19
N ASN B 84 -18.44 -2.16 -3.29
CA ASN B 84 -19.32 -2.08 -2.14
C ASN B 84 -18.56 -2.21 -0.83
N HIS B 85 -19.00 -1.43 0.16
CA HIS B 85 -18.34 -1.32 1.44
C HIS B 85 -19.42 -0.90 2.44
N VAL B 86 -19.23 -1.22 3.71
CA VAL B 86 -20.19 -0.83 4.76
C VAL B 86 -20.49 0.69 4.77
N THR B 87 -19.54 1.51 4.35
CA THR B 87 -19.75 2.97 4.31
C THR B 87 -20.63 3.44 3.16
N LEU B 88 -20.88 2.57 2.18
CA LEU B 88 -21.64 2.94 0.99
C LEU B 88 -23.08 2.47 1.08
N SER B 89 -24.02 3.39 0.88
CA SER B 89 -25.46 3.06 0.93
C SER B 89 -25.86 2.20 -0.26
N GLN B 90 -25.12 2.35 -1.36
CA GLN B 90 -25.26 1.54 -2.55
C GLN B 90 -23.90 1.38 -3.25
N PRO B 91 -23.77 0.35 -4.11
CA PRO B 91 -22.48 0.15 -4.82
C PRO B 91 -22.05 1.37 -5.61
N LYS B 92 -20.77 1.75 -5.46
CA LYS B 92 -20.22 2.88 -6.20
C LYS B 92 -19.59 2.37 -7.49
N ILE B 93 -20.01 2.94 -8.62
CA ILE B 93 -19.47 2.53 -9.91
C ILE B 93 -18.61 3.65 -10.48
N VAL B 94 -17.35 3.33 -10.75
CA VAL B 94 -16.43 4.25 -11.37
C VAL B 94 -16.06 3.70 -12.75
N LYS B 95 -16.35 4.50 -13.78
CA LYS B 95 -16.10 4.15 -15.16
C LYS B 95 -14.62 4.29 -15.48
N TRP B 96 -14.10 3.42 -16.33
CA TRP B 96 -12.75 3.59 -16.84
C TRP B 96 -12.73 4.66 -17.91
N ASP B 97 -11.82 5.61 -17.73
CA ASP B 97 -11.62 6.72 -18.65
C ASP B 97 -10.14 6.76 -18.97
N ARG B 98 -9.79 6.54 -20.24
CA ARG B 98 -8.38 6.48 -20.61
C ARG B 98 -7.66 7.83 -20.43
N ASP B 99 -8.44 8.88 -20.19
CA ASP B 99 -7.89 10.23 -19.94
C ASP B 99 -7.57 10.47 -18.47
N MET B 100 -7.85 9.51 -17.60
CA MET B 100 -7.62 9.70 -16.17
C MET B 100 -6.92 8.54 -15.46
N ARG C 1 14.11 -11.05 7.19
CA ARG C 1 13.24 -12.10 7.77
C ARG C 1 12.57 -11.58 9.04
N ARG C 2 11.57 -12.33 9.49
CA ARG C 2 10.69 -11.91 10.59
C ARG C 2 11.24 -12.08 12.02
N LYS C 3 10.64 -11.31 12.92
CA LYS C 3 10.82 -11.48 14.36
C LYS C 3 9.85 -12.56 14.84
N TRP C 4 10.29 -13.48 15.68
CA TRP C 4 9.40 -14.31 16.47
C TRP C 4 8.69 -13.51 17.60
N TRP C 7 4.95 -12.55 23.11
CA TRP C 7 4.23 -11.69 24.07
C TRP C 7 2.81 -11.56 23.52
N HIS C 8 1.91 -11.17 24.41
CA HIS C 8 0.51 -11.05 24.08
C HIS C 8 0.05 -9.65 24.47
N LEU C 9 -1.07 -9.23 23.92
CA LEU C 9 -1.67 -7.97 24.32
C LEU C 9 -2.20 -8.09 25.76
#